data_6MSF
#
_entry.id   6MSF
#
_cell.length_a   287.580
_cell.length_b   287.580
_cell.length_c   652.190
_cell.angle_alpha   90.00
_cell.angle_beta   90.00
_cell.angle_gamma   120.00
#
_symmetry.space_group_name_H-M   'H 3 2'
#
loop_
_entity.id
_entity.type
_entity.pdbx_description
1 polymer "RNA (5'-R(*CP*CP*AP*CP*AP*GP*UP*CP*AP*CP*UP*GP*GP*G)-3')"
2 polymer "RNA (5'-R(*CP*AP*GP*UP*CP*AP*CP*UP*GP*G)-3')"
3 polymer 'PROTEIN (MS2 PROTEIN CAPSID)'
4 water water
#
loop_
_entity_poly.entity_id
_entity_poly.type
_entity_poly.pdbx_seq_one_letter_code
_entity_poly.pdbx_strand_id
1 'polyribonucleotide' CCACAGUCACUGGG R
2 'polyribonucleotide' CAGUCACUGG S
3 'polypeptide(L)'
;ASNFTQFVLVDNGGTGDVTVAPSNFANGVAEWISSNSRSQAYKVTCSVRQSSAQNRKYTIKVEVPKVATQTVGGVELPVA
AWRSYLNMELTIPIFATNSDCELIVKAMQGLLKDGNPIPSAIAANSGIY
;
A,B,C
#
# COMPACT_ATOMS: atom_id res chain seq x y z
N ALA C 1 -11.55 -5.19 -6.74
CA ALA C 1 -11.17 -3.88 -7.37
C ALA C 1 -9.93 -3.29 -6.72
N SER C 2 -9.76 -1.99 -6.97
CA SER C 2 -8.66 -1.19 -6.46
C SER C 2 -8.93 0.12 -7.14
N ASN C 3 -8.98 1.21 -6.38
CA ASN C 3 -9.26 2.50 -6.98
C ASN C 3 -7.98 3.22 -7.39
N PHE C 4 -6.83 2.59 -7.13
CA PHE C 4 -5.56 3.20 -7.49
C PHE C 4 -5.22 2.91 -8.94
N THR C 5 -5.94 3.59 -9.83
CA THR C 5 -5.78 3.43 -11.25
C THR C 5 -5.34 4.72 -11.95
N GLN C 6 -4.97 4.58 -13.21
CA GLN C 6 -4.57 5.75 -13.98
C GLN C 6 -5.83 6.43 -14.49
N PHE C 7 -5.72 7.72 -14.78
CA PHE C 7 -6.86 8.47 -15.28
C PHE C 7 -6.35 9.68 -16.07
N VAL C 8 -7.22 10.28 -16.88
CA VAL C 8 -6.81 11.45 -17.65
C VAL C 8 -7.17 12.69 -16.85
N LEU C 9 -6.13 13.45 -16.53
CA LEU C 9 -6.23 14.67 -15.75
C LEU C 9 -6.71 15.81 -16.62
N VAL C 10 -6.18 15.89 -17.84
CA VAL C 10 -6.56 16.94 -18.77
C VAL C 10 -7.11 16.33 -20.02
N ASP C 11 -8.40 16.55 -20.26
CA ASP C 11 -9.05 16.03 -21.46
C ASP C 11 -9.02 17.07 -22.58
N ASN C 12 -8.25 16.77 -23.61
CA ASN C 12 -8.14 17.66 -24.76
C ASN C 12 -8.74 16.99 -26.00
N GLY C 13 -9.68 16.09 -25.78
CA GLY C 13 -10.36 15.41 -26.87
C GLY C 13 -9.66 14.20 -27.45
N GLY C 14 -8.92 13.47 -26.62
CA GLY C 14 -8.22 12.29 -27.11
C GLY C 14 -6.88 12.58 -27.78
N THR C 15 -6.67 13.83 -28.19
CA THR C 15 -5.44 14.24 -28.84
C THR C 15 -4.75 15.35 -28.05
N GLY C 16 -3.70 14.99 -27.30
CA GLY C 16 -2.99 15.96 -26.49
C GLY C 16 -3.47 15.81 -25.05
N ASP C 17 -4.07 14.67 -24.77
CA ASP C 17 -4.60 14.36 -23.46
C ASP C 17 -3.48 14.13 -22.46
N VAL C 18 -3.64 14.68 -21.26
CA VAL C 18 -2.65 14.46 -20.23
C VAL C 18 -3.21 13.41 -19.31
N THR C 19 -2.64 12.21 -19.37
CA THR C 19 -3.09 11.14 -18.53
C THR C 19 -2.01 10.95 -17.47
N VAL C 20 -2.45 10.61 -16.26
CA VAL C 20 -1.59 10.47 -15.12
C VAL C 20 -1.73 9.04 -14.55
N ALA C 21 -0.63 8.46 -14.08
CA ALA C 21 -0.69 7.08 -13.58
C ALA C 21 -0.05 6.85 -12.22
N PRO C 22 -0.51 5.81 -11.50
CA PRO C 22 0.03 5.47 -10.18
C PRO C 22 1.54 5.35 -10.24
N SER C 23 2.22 6.02 -9.33
CA SER C 23 3.68 5.99 -9.31
C SER C 23 4.24 5.76 -7.92
N ASN C 24 3.39 5.87 -6.90
CA ASN C 24 3.89 5.67 -5.55
C ASN C 24 2.80 5.67 -4.49
N PHE C 25 3.05 4.92 -3.41
CA PHE C 25 2.11 4.85 -2.28
C PHE C 25 2.87 4.82 -0.97
N ALA C 26 4.14 5.21 -1.00
CA ALA C 26 4.97 5.23 0.19
C ALA C 26 4.49 6.26 1.21
N ASN C 27 4.50 5.87 2.48
CA ASN C 27 4.07 6.73 3.57
C ASN C 27 2.60 7.13 3.51
N GLY C 28 1.79 6.27 2.91
CA GLY C 28 0.37 6.54 2.83
C GLY C 28 -0.05 7.69 1.93
N VAL C 29 0.83 8.12 1.06
CA VAL C 29 0.48 9.19 0.14
C VAL C 29 0.41 8.59 -1.24
N ALA C 30 -0.80 8.49 -1.79
CA ALA C 30 -0.98 7.95 -3.12
C ALA C 30 -0.48 8.99 -4.10
N GLU C 31 0.33 8.58 -5.06
CA GLU C 31 0.86 9.50 -6.05
C GLU C 31 0.69 9.03 -7.47
N TRP C 32 0.42 9.97 -8.37
CA TRP C 32 0.25 9.72 -9.80
C TRP C 32 1.13 10.74 -10.51
N ILE C 33 1.64 10.39 -11.69
CA ILE C 33 2.45 11.32 -12.48
C ILE C 33 2.21 11.05 -13.96
N SER C 34 2.49 12.04 -14.80
CA SER C 34 2.31 11.90 -16.24
C SER C 34 3.55 11.25 -16.77
N SER C 35 3.43 10.63 -17.94
CA SER C 35 4.56 9.94 -18.58
C SER C 35 5.63 10.93 -19.07
N ASN C 36 6.29 11.59 -18.13
CA ASN C 36 7.33 12.58 -18.44
C ASN C 36 8.52 12.37 -17.55
N SER C 37 9.52 13.23 -17.71
CA SER C 37 10.70 13.17 -16.86
C SER C 37 10.16 13.75 -15.57
N ARG C 38 10.68 13.27 -14.45
CA ARG C 38 10.23 13.73 -13.16
C ARG C 38 10.30 15.26 -13.04
N SER C 39 11.17 15.89 -13.83
CA SER C 39 11.31 17.33 -13.79
C SER C 39 10.24 18.10 -14.56
N GLN C 40 9.56 17.43 -15.48
CA GLN C 40 8.52 18.08 -16.28
C GLN C 40 7.15 17.44 -16.09
N ALA C 41 7.01 16.58 -15.09
CA ALA C 41 5.74 15.89 -14.91
C ALA C 41 4.63 16.58 -14.17
N TYR C 42 3.41 16.14 -14.49
CA TYR C 42 2.20 16.60 -13.84
C TYR C 42 2.18 15.67 -12.63
N LYS C 43 1.85 16.19 -11.46
CA LYS C 43 1.86 15.36 -10.26
C LYS C 43 0.55 15.49 -9.48
N VAL C 44 0.02 14.36 -9.03
CA VAL C 44 -1.21 14.36 -8.24
C VAL C 44 -1.01 13.47 -7.02
N THR C 45 -1.31 13.99 -5.84
CA THR C 45 -1.18 13.20 -4.61
C THR C 45 -2.44 13.31 -3.78
N CYS C 46 -2.69 12.26 -3.02
CA CYS C 46 -3.88 12.20 -2.19
C CYS C 46 -3.63 11.41 -0.93
N SER C 47 -4.22 11.84 0.17
CA SER C 47 -4.07 11.16 1.43
C SER C 47 -5.25 11.43 2.37
N VAL C 48 -5.60 10.42 3.15
CA VAL C 48 -6.70 10.54 4.11
C VAL C 48 -6.16 10.22 5.48
N ARG C 49 -6.52 11.03 6.46
CA ARG C 49 -6.11 10.78 7.81
C ARG C 49 -7.30 11.08 8.69
N GLN C 50 -7.33 10.48 9.87
CA GLN C 50 -8.43 10.74 10.80
C GLN C 50 -7.95 11.91 11.65
N SER C 51 -8.22 13.13 11.16
CA SER C 51 -7.80 14.38 11.82
C SER C 51 -8.21 14.53 13.29
N SER C 52 -9.49 14.39 13.58
CA SER C 52 -9.97 14.49 14.95
C SER C 52 -10.59 13.16 15.30
N ALA C 53 -11.24 13.10 16.45
CA ALA C 53 -11.89 11.86 16.85
C ALA C 53 -13.13 11.66 15.98
N GLN C 54 -13.67 12.76 15.47
CA GLN C 54 -14.87 12.70 14.67
C GLN C 54 -14.77 13.23 13.25
N ASN C 55 -13.56 13.46 12.78
CA ASN C 55 -13.36 13.97 11.43
C ASN C 55 -12.36 13.17 10.66
N ARG C 56 -12.46 13.25 9.34
CA ARG C 56 -11.53 12.58 8.47
C ARG C 56 -11.15 13.67 7.48
N LYS C 57 -9.86 13.73 7.13
CA LYS C 57 -9.41 14.78 6.23
C LYS C 57 -8.66 14.25 5.03
N TYR C 58 -9.10 14.71 3.86
CA TYR C 58 -8.46 14.31 2.61
C TYR C 58 -7.57 15.46 2.19
N THR C 59 -6.33 15.15 1.84
CA THR C 59 -5.43 16.18 1.37
C THR C 59 -5.06 15.78 -0.06
N ILE C 60 -5.48 16.61 -1.00
CA ILE C 60 -5.22 16.36 -2.41
C ILE C 60 -4.38 17.50 -2.95
N LYS C 61 -3.37 17.15 -3.74
CA LYS C 61 -2.49 18.16 -4.34
C LYS C 61 -2.31 17.85 -5.82
N VAL C 62 -2.26 18.90 -6.63
CA VAL C 62 -2.06 18.77 -8.05
C VAL C 62 -1.00 19.81 -8.46
N GLU C 63 -0.06 19.40 -9.31
CA GLU C 63 0.99 20.28 -9.78
C GLU C 63 0.94 20.34 -11.30
N VAL C 64 0.65 21.51 -11.85
CA VAL C 64 0.59 21.65 -13.30
C VAL C 64 1.84 22.40 -13.77
N PRO C 65 2.69 21.73 -14.54
CA PRO C 65 3.91 22.36 -15.04
C PRO C 65 3.79 23.04 -16.40
N LYS C 66 4.64 24.05 -16.60
CA LYS C 66 4.75 24.76 -17.86
C LYS C 66 6.09 24.22 -18.38
N VAL C 67 6.03 23.19 -19.22
CA VAL C 67 7.24 22.56 -19.76
C VAL C 67 8.11 23.46 -20.61
N ALA C 68 9.42 23.31 -20.47
CA ALA C 68 10.36 24.12 -21.21
C ALA C 68 11.72 23.45 -21.28
N THR C 69 12.53 23.84 -22.24
CA THR C 69 13.87 23.29 -22.38
C THR C 69 14.90 24.36 -22.07
N GLN C 70 15.58 24.21 -20.94
CA GLN C 70 16.58 25.17 -20.51
C GLN C 70 17.99 24.75 -20.89
N THR C 71 18.86 25.74 -21.08
CA THR C 71 20.24 25.48 -21.45
C THR C 71 21.17 25.85 -20.30
N VAL C 72 21.56 24.85 -19.52
CA VAL C 72 22.44 25.05 -18.38
C VAL C 72 23.84 24.52 -18.71
N GLY C 73 24.83 25.40 -18.68
CA GLY C 73 26.19 24.99 -18.99
C GLY C 73 26.36 24.55 -20.44
N GLY C 74 25.64 25.19 -21.35
CA GLY C 74 25.75 24.84 -22.76
C GLY C 74 25.00 23.58 -23.14
N VAL C 75 24.47 22.89 -22.14
CA VAL C 75 23.72 21.64 -22.34
C VAL C 75 22.22 21.86 -22.20
N GLU C 76 21.43 21.19 -23.04
CA GLU C 76 19.97 21.32 -22.99
C GLU C 76 19.30 20.29 -22.07
N LEU C 77 18.46 20.79 -21.16
CA LEU C 77 17.77 19.93 -20.20
C LEU C 77 16.26 20.12 -20.15
N PRO C 78 15.50 19.02 -19.98
CA PRO C 78 14.04 19.10 -19.91
C PRO C 78 13.74 19.62 -18.51
N VAL C 79 13.07 20.78 -18.45
CA VAL C 79 12.76 21.39 -17.17
C VAL C 79 11.37 22.03 -17.18
N ALA C 80 10.97 22.65 -16.06
CA ALA C 80 9.67 23.32 -15.98
C ALA C 80 9.89 24.81 -15.74
N ALA C 81 9.38 25.64 -16.64
CA ALA C 81 9.53 27.09 -16.50
C ALA C 81 8.92 27.55 -15.17
N TRP C 82 7.81 26.94 -14.81
CA TRP C 82 7.13 27.22 -13.55
C TRP C 82 6.04 26.18 -13.37
N ARG C 83 5.45 26.16 -12.18
CA ARG C 83 4.41 25.21 -11.84
C ARG C 83 3.24 25.89 -11.14
N SER C 84 2.04 25.39 -11.40
CA SER C 84 0.85 25.90 -10.74
C SER C 84 0.56 24.86 -9.66
N TYR C 85 0.24 25.32 -8.45
CA TYR C 85 -0.02 24.40 -7.34
C TYR C 85 -1.45 24.45 -6.81
N LEU C 86 -2.13 23.32 -6.88
CA LEU C 86 -3.49 23.23 -6.35
C LEU C 86 -3.40 22.47 -5.05
N ASN C 87 -3.88 23.09 -3.98
CA ASN C 87 -3.83 22.42 -2.69
C ASN C 87 -5.25 22.42 -2.14
N MET C 88 -5.81 21.23 -1.95
CA MET C 88 -7.14 21.16 -1.40
C MET C 88 -7.28 20.19 -0.23
N GLU C 89 -7.98 20.65 0.82
CA GLU C 89 -8.23 19.86 2.03
C GLU C 89 -9.72 19.72 2.23
N LEU C 90 -10.18 18.49 2.39
CA LEU C 90 -11.59 18.22 2.57
C LEU C 90 -11.80 17.53 3.92
N THR C 91 -12.56 18.16 4.80
CA THR C 91 -12.82 17.60 6.13
C THR C 91 -14.27 17.13 6.21
N ILE C 92 -14.45 15.83 6.38
CA ILE C 92 -15.78 15.22 6.44
C ILE C 92 -16.05 14.56 7.78
N PRO C 93 -17.21 14.85 8.39
CA PRO C 93 -17.52 14.23 9.70
C PRO C 93 -17.77 12.73 9.53
N ILE C 94 -17.38 11.93 10.51
CA ILE C 94 -17.55 10.48 10.45
C ILE C 94 -19.01 10.04 10.35
N PHE C 95 -19.93 10.95 10.64
CA PHE C 95 -21.36 10.64 10.59
C PHE C 95 -21.93 10.77 9.19
N ALA C 96 -21.08 11.15 8.24
CA ALA C 96 -21.51 11.30 6.87
C ALA C 96 -21.65 9.93 6.23
N THR C 97 -22.82 9.69 5.65
CA THR C 97 -23.09 8.43 4.98
C THR C 97 -22.49 8.54 3.59
N ASN C 98 -22.61 7.47 2.80
CA ASN C 98 -22.07 7.49 1.45
C ASN C 98 -22.83 8.51 0.59
N SER C 99 -24.14 8.59 0.79
CA SER C 99 -24.95 9.55 0.04
C SER C 99 -24.51 10.96 0.40
N ASP C 100 -24.22 11.16 1.69
CA ASP C 100 -23.78 12.46 2.17
C ASP C 100 -22.52 12.84 1.41
N CYS C 101 -21.62 11.87 1.24
CA CYS C 101 -20.35 12.11 0.54
C CYS C 101 -20.53 12.33 -0.96
N GLU C 102 -21.48 11.63 -1.57
CA GLU C 102 -21.73 11.81 -2.99
C GLU C 102 -22.14 13.25 -3.22
N LEU C 103 -22.84 13.81 -2.24
CA LEU C 103 -23.30 15.19 -2.29
C LEU C 103 -22.10 16.11 -2.40
N ILE C 104 -21.08 15.83 -1.61
CA ILE C 104 -19.85 16.62 -1.62
C ILE C 104 -19.18 16.53 -2.98
N VAL C 105 -19.08 15.32 -3.53
CA VAL C 105 -18.45 15.16 -4.83
C VAL C 105 -19.21 15.92 -5.92
N LYS C 106 -20.53 15.84 -5.87
CA LYS C 106 -21.34 16.56 -6.86
C LYS C 106 -21.12 18.07 -6.73
N ALA C 107 -21.04 18.56 -5.49
CA ALA C 107 -20.82 19.99 -5.28
C ALA C 107 -19.48 20.44 -5.86
N MET C 108 -18.43 19.66 -5.60
CA MET C 108 -17.11 20.01 -6.12
C MET C 108 -17.12 20.00 -7.63
N GLN C 109 -17.87 19.06 -8.20
CA GLN C 109 -17.98 18.95 -9.64
C GLN C 109 -18.75 20.16 -10.18
N GLY C 110 -19.82 20.53 -9.49
CA GLY C 110 -20.60 21.67 -9.92
C GLY C 110 -19.79 22.94 -9.83
N LEU C 111 -19.05 23.08 -8.74
CA LEU C 111 -18.21 24.25 -8.52
C LEU C 111 -17.35 24.59 -9.74
N LEU C 112 -16.79 23.56 -10.39
CA LEU C 112 -15.90 23.77 -11.53
C LEU C 112 -16.45 23.54 -12.93
N LYS C 113 -17.75 23.30 -13.05
CA LYS C 113 -18.32 23.06 -14.38
C LYS C 113 -18.08 24.25 -15.31
N ASP C 114 -17.78 23.96 -16.59
CA ASP C 114 -17.56 25.03 -17.56
C ASP C 114 -18.77 25.97 -17.53
N GLY C 115 -18.49 27.26 -17.55
CA GLY C 115 -19.57 28.22 -17.54
C GLY C 115 -19.82 28.86 -16.19
N ASN C 116 -19.60 28.11 -15.12
CA ASN C 116 -19.84 28.67 -13.81
C ASN C 116 -18.84 29.77 -13.43
N PRO C 117 -19.21 30.63 -12.49
CA PRO C 117 -18.37 31.74 -12.03
C PRO C 117 -16.90 31.47 -11.75
N ILE C 118 -16.61 30.63 -10.76
CA ILE C 118 -15.22 30.36 -10.42
C ILE C 118 -14.34 29.93 -11.60
N PRO C 119 -14.70 28.84 -12.30
CA PRO C 119 -13.81 28.46 -13.42
C PRO C 119 -13.69 29.57 -14.47
N SER C 120 -14.73 30.35 -14.63
CA SER C 120 -14.71 31.45 -15.60
C SER C 120 -13.66 32.48 -15.24
N ALA C 121 -13.70 32.93 -13.99
CA ALA C 121 -12.75 33.93 -13.51
C ALA C 121 -11.32 33.44 -13.63
N ILE C 122 -11.06 32.22 -13.18
CA ILE C 122 -9.73 31.64 -13.23
C ILE C 122 -9.17 31.63 -14.65
N ALA C 123 -9.98 31.15 -15.58
CA ALA C 123 -9.56 31.05 -16.97
C ALA C 123 -9.37 32.40 -17.64
N ALA C 124 -9.87 33.46 -17.01
CA ALA C 124 -9.75 34.78 -17.59
C ALA C 124 -8.81 35.67 -16.82
N ASN C 125 -8.06 35.08 -15.90
CA ASN C 125 -7.13 35.88 -15.11
C ASN C 125 -7.87 37.05 -14.50
N SER C 126 -9.00 36.78 -13.85
CA SER C 126 -9.77 37.86 -13.23
C SER C 126 -10.41 37.40 -11.95
N GLY C 127 -11.00 38.33 -11.22
CA GLY C 127 -11.68 37.98 -9.99
C GLY C 127 -13.16 37.85 -10.24
N ILE C 128 -13.95 37.82 -9.18
CA ILE C 128 -15.40 37.73 -9.32
C ILE C 128 -15.96 39.15 -9.16
N TYR C 129 -16.93 39.50 -9.99
CA TYR C 129 -17.52 40.82 -9.93
C TYR C 129 -18.86 40.88 -10.68
N ALA D 1 -1.45 -15.26 -5.70
CA ALA D 1 -2.58 -14.90 -4.80
C ALA D 1 -2.97 -13.44 -4.95
N SER D 2 -3.34 -12.85 -3.82
CA SER D 2 -3.79 -11.47 -3.67
C SER D 2 -5.03 -11.61 -2.82
N ASN D 3 -4.82 -11.66 -1.51
CA ASN D 3 -5.87 -11.83 -0.54
C ASN D 3 -6.67 -10.58 -0.19
N PHE D 4 -6.22 -9.41 -0.63
CA PHE D 4 -6.93 -8.18 -0.30
C PHE D 4 -8.22 -8.02 -1.07
N THR D 5 -9.21 -8.83 -0.70
CA THR D 5 -10.52 -8.81 -1.35
C THR D 5 -11.64 -8.68 -0.33
N GLN D 6 -12.82 -8.38 -0.80
CA GLN D 6 -13.96 -8.23 0.09
C GLN D 6 -14.36 -9.59 0.63
N PHE D 7 -15.02 -9.60 1.78
CA PHE D 7 -15.47 -10.84 2.38
C PHE D 7 -16.64 -10.61 3.33
N VAL D 8 -17.28 -11.70 3.75
CA VAL D 8 -18.42 -11.64 4.65
C VAL D 8 -17.92 -11.69 6.08
N LEU D 9 -18.16 -10.62 6.81
CA LEU D 9 -17.73 -10.53 8.19
C LEU D 9 -18.77 -11.16 9.09
N VAL D 10 -20.02 -10.79 8.87
CA VAL D 10 -21.12 -11.32 9.66
C VAL D 10 -22.01 -12.15 8.76
N ASP D 11 -22.02 -13.45 9.00
CA ASP D 11 -22.82 -14.37 8.21
C ASP D 11 -24.16 -14.60 8.90
N ASN D 12 -25.18 -13.93 8.39
CA ASN D 12 -26.52 -14.06 8.95
C ASN D 12 -27.37 -14.97 8.07
N GLY D 13 -26.70 -15.83 7.33
CA GLY D 13 -27.38 -16.77 6.45
C GLY D 13 -27.93 -16.18 5.17
N GLY D 14 -27.06 -15.68 4.31
CA GLY D 14 -27.49 -15.10 3.05
C GLY D 14 -28.31 -13.82 3.12
N THR D 15 -29.28 -13.77 4.02
CA THR D 15 -30.13 -12.60 4.15
C THR D 15 -29.78 -11.76 5.39
N GLY D 16 -29.19 -10.59 5.16
CA GLY D 16 -28.82 -9.70 6.25
C GLY D 16 -27.34 -9.86 6.58
N ASP D 17 -26.58 -10.29 5.58
CA ASP D 17 -25.15 -10.49 5.74
C ASP D 17 -24.40 -9.19 5.73
N VAL D 18 -23.30 -9.13 6.46
CA VAL D 18 -22.48 -7.93 6.48
C VAL D 18 -21.19 -8.25 5.75
N THR D 19 -20.97 -7.50 4.68
CA THR D 19 -19.78 -7.66 3.86
C THR D 19 -18.90 -6.45 4.06
N VAL D 20 -17.60 -6.65 4.12
CA VAL D 20 -16.68 -5.53 4.28
C VAL D 20 -15.80 -5.59 3.05
N ALA D 21 -15.41 -4.44 2.54
CA ALA D 21 -14.58 -4.41 1.35
C ALA D 21 -13.40 -3.49 1.52
N PRO D 22 -12.32 -3.74 0.76
CA PRO D 22 -11.11 -2.92 0.83
C PRO D 22 -11.43 -1.43 0.75
N SER D 23 -10.88 -0.65 1.68
CA SER D 23 -11.13 0.79 1.71
C SER D 23 -9.85 1.59 1.84
N ASN D 24 -8.76 0.92 2.21
CA ASN D 24 -7.51 1.63 2.35
C ASN D 24 -6.32 0.70 2.47
N PHE D 25 -5.16 1.19 2.05
CA PHE D 25 -3.93 0.41 2.10
C PHE D 25 -2.74 1.27 2.47
N ALA D 26 -3.02 2.45 3.01
CA ALA D 26 -1.95 3.36 3.40
C ALA D 26 -1.06 2.73 4.46
N ASN D 27 0.24 2.69 4.15
CA ASN D 27 1.25 2.14 5.04
C ASN D 27 1.25 0.63 5.22
N GLY D 28 0.77 -0.10 4.23
CA GLY D 28 0.74 -1.54 4.34
C GLY D 28 -0.36 -2.01 5.26
N VAL D 29 -1.05 -1.08 5.92
CA VAL D 29 -2.15 -1.44 6.79
C VAL D 29 -3.41 -1.59 5.93
N ALA D 30 -3.86 -2.82 5.77
CA ALA D 30 -5.05 -3.11 4.98
C ALA D 30 -6.29 -2.77 5.78
N GLU D 31 -7.28 -2.19 5.10
CA GLU D 31 -8.53 -1.83 5.76
C GLU D 31 -9.74 -2.21 4.92
N TRP D 32 -10.77 -2.70 5.62
CA TRP D 32 -12.04 -3.06 5.01
C TRP D 32 -13.13 -2.38 5.85
N ILE D 33 -14.22 -1.98 5.22
CA ILE D 33 -15.33 -1.38 5.96
C ILE D 33 -16.63 -1.75 5.29
N SER D 34 -17.69 -1.75 6.06
CA SER D 34 -19.01 -2.04 5.53
C SER D 34 -19.49 -0.77 4.84
N SER D 35 -20.56 -0.85 4.07
CA SER D 35 -21.10 0.31 3.37
C SER D 35 -21.96 1.12 4.35
N ASN D 36 -21.31 1.96 5.14
CA ASN D 36 -21.99 2.78 6.13
C ASN D 36 -21.20 4.06 6.34
N SER D 37 -21.74 4.91 7.20
CA SER D 37 -21.06 6.13 7.56
C SER D 37 -19.91 5.55 8.38
N ARG D 38 -18.75 6.18 8.37
CA ARG D 38 -17.65 5.63 9.12
C ARG D 38 -17.95 5.52 10.60
N SER D 39 -18.92 6.31 11.06
CA SER D 39 -19.30 6.28 12.47
C SER D 39 -20.12 5.05 12.80
N GLN D 40 -20.77 4.46 11.79
CA GLN D 40 -21.60 3.28 12.02
C GLN D 40 -21.09 2.04 11.30
N ALA D 41 -19.93 2.13 10.66
CA ALA D 41 -19.40 1.02 9.91
C ALA D 41 -18.80 -0.11 10.71
N TYR D 42 -18.51 -1.20 10.00
CA TYR D 42 -17.86 -2.37 10.56
C TYR D 42 -16.49 -2.15 9.96
N LYS D 43 -15.46 -2.04 10.79
CA LYS D 43 -14.14 -1.82 10.24
C LYS D 43 -13.22 -2.96 10.61
N VAL D 44 -12.34 -3.32 9.69
CA VAL D 44 -11.36 -4.35 9.94
C VAL D 44 -10.04 -3.87 9.38
N THR D 45 -8.97 -3.97 10.18
CA THR D 45 -7.65 -3.58 9.71
C THR D 45 -6.67 -4.66 10.13
N CYS D 46 -5.65 -4.87 9.30
CA CYS D 46 -4.66 -5.88 9.58
C CYS D 46 -3.29 -5.46 9.07
N SER D 47 -2.24 -5.84 9.79
CA SER D 47 -0.88 -5.51 9.38
C SER D 47 0.12 -6.48 9.98
N VAL D 48 1.27 -6.65 9.32
CA VAL D 48 2.31 -7.55 9.80
C VAL D 48 3.63 -6.83 9.86
N ARG D 49 4.40 -7.16 10.89
CA ARG D 49 5.71 -6.57 11.07
C ARG D 49 6.58 -7.57 11.82
N GLN D 50 7.88 -7.40 11.71
CA GLN D 50 8.79 -8.27 12.42
C GLN D 50 9.03 -7.47 13.71
N SER D 51 8.39 -7.89 14.80
CA SER D 51 8.49 -7.20 16.09
C SER D 51 9.86 -7.26 16.74
N SER D 52 10.54 -8.37 16.54
CA SER D 52 11.88 -8.58 17.10
C SER D 52 12.65 -9.54 16.22
N ALA D 53 13.85 -9.92 16.65
CA ALA D 53 14.66 -10.83 15.86
C ALA D 53 14.04 -12.21 15.81
N GLN D 54 13.38 -12.58 16.90
CA GLN D 54 12.75 -13.89 17.01
C GLN D 54 11.31 -13.99 16.54
N ASN D 55 10.57 -12.89 16.60
CA ASN D 55 9.17 -12.94 16.23
C ASN D 55 8.66 -12.03 15.13
N ARG D 56 7.48 -12.41 14.63
CA ARG D 56 6.74 -11.65 13.63
C ARG D 56 5.44 -11.39 14.38
N LYS D 57 4.79 -10.28 14.09
CA LYS D 57 3.56 -9.96 14.80
C LYS D 57 2.44 -9.45 13.90
N TYR D 58 1.28 -10.07 13.99
CA TYR D 58 0.12 -9.65 13.22
C TYR D 58 -0.73 -8.81 14.15
N THR D 59 -1.10 -7.61 13.73
CA THR D 59 -1.96 -6.78 14.55
C THR D 59 -3.27 -6.66 13.76
N ILE D 60 -4.33 -7.17 14.34
CA ILE D 60 -5.66 -7.16 13.73
C ILE D 60 -6.63 -6.39 14.61
N LYS D 61 -7.33 -5.44 14.02
CA LYS D 61 -8.30 -4.66 14.79
C LYS D 61 -9.66 -4.71 14.11
N VAL D 62 -10.70 -4.80 14.91
CA VAL D 62 -12.06 -4.85 14.39
C VAL D 62 -12.94 -3.91 15.19
N GLU D 63 -13.84 -3.22 14.50
CA GLU D 63 -14.78 -2.32 15.13
C GLU D 63 -16.18 -2.79 14.76
N VAL D 64 -17.03 -2.96 15.76
CA VAL D 64 -18.40 -3.43 15.52
C VAL D 64 -19.37 -2.40 16.08
N PRO D 65 -20.36 -1.99 15.26
CA PRO D 65 -21.35 -1.00 15.69
C PRO D 65 -22.44 -1.58 16.59
N LYS D 66 -22.95 -0.77 17.51
CA LYS D 66 -24.04 -1.20 18.38
C LYS D 66 -25.26 -0.98 17.49
N VAL D 67 -26.02 -2.03 17.23
CA VAL D 67 -27.17 -1.92 16.35
C VAL D 67 -28.52 -1.68 17.01
N ALA D 68 -28.72 -2.25 18.20
CA ALA D 68 -30.00 -2.07 18.91
C ALA D 68 -30.31 -0.59 19.10
N THR D 69 -31.47 -0.17 18.60
CA THR D 69 -31.96 1.21 18.70
C THR D 69 -31.15 2.22 17.87
N GLN D 70 -30.29 1.70 17.02
CA GLN D 70 -29.47 2.56 16.15
C GLN D 70 -30.36 3.32 15.17
N THR D 71 -29.90 4.51 14.78
CA THR D 71 -30.61 5.35 13.80
C THR D 71 -29.69 5.46 12.59
N VAL D 72 -29.94 4.64 11.59
CA VAL D 72 -29.10 4.61 10.40
C VAL D 72 -28.83 5.96 9.77
N GLY D 73 -27.55 6.26 9.61
CA GLY D 73 -27.14 7.52 9.00
C GLY D 73 -27.20 8.70 9.94
N GLY D 74 -27.52 8.42 11.20
CA GLY D 74 -27.64 9.48 12.17
C GLY D 74 -26.38 9.77 12.94
N VAL D 75 -26.42 10.87 13.70
CA VAL D 75 -25.30 11.31 14.51
C VAL D 75 -25.55 10.76 15.92
N GLU D 76 -24.81 9.72 16.28
CA GLU D 76 -24.96 9.11 17.60
C GLU D 76 -23.79 9.43 18.50
N LEU D 77 -24.07 10.11 19.60
CA LEU D 77 -23.04 10.48 20.56
C LEU D 77 -23.48 10.02 21.94
N PRO D 78 -22.52 9.64 22.79
CA PRO D 78 -21.09 9.62 22.54
C PRO D 78 -20.67 8.36 21.82
N VAL D 79 -19.70 8.52 20.94
CA VAL D 79 -19.14 7.43 20.13
C VAL D 79 -18.86 6.17 20.92
N ALA D 80 -18.29 6.35 22.10
CA ALA D 80 -17.94 5.23 22.95
C ALA D 80 -19.11 4.36 23.35
N ALA D 81 -20.33 4.90 23.30
CA ALA D 81 -21.51 4.15 23.70
C ALA D 81 -22.05 3.31 22.57
N TRP D 82 -21.63 3.66 21.36
CA TRP D 82 -22.14 2.99 20.17
C TRP D 82 -21.15 2.08 19.46
N ARG D 83 -20.00 1.82 20.07
CA ARG D 83 -19.04 0.99 19.39
C ARG D 83 -18.23 0.03 20.23
N SER D 84 -17.95 -1.14 19.68
CA SER D 84 -17.16 -2.15 20.36
C SER D 84 -15.82 -2.27 19.63
N TYR D 85 -14.74 -2.43 20.38
CA TYR D 85 -13.42 -2.53 19.77
C TYR D 85 -12.70 -3.81 20.10
N LEU D 86 -12.26 -4.50 19.06
CA LEU D 86 -11.51 -5.74 19.23
C LEU D 86 -10.10 -5.48 18.76
N ASN D 87 -9.15 -5.80 19.63
CA ASN D 87 -7.73 -5.62 19.31
C ASN D 87 -7.06 -6.97 19.46
N MET D 88 -6.48 -7.48 18.37
CA MET D 88 -5.81 -8.78 18.39
C MET D 88 -4.36 -8.65 17.98
N GLU D 89 -3.47 -9.22 18.78
CA GLU D 89 -2.06 -9.21 18.44
C GLU D 89 -1.59 -10.66 18.50
N LEU D 90 -1.13 -11.14 17.35
CA LEU D 90 -0.66 -12.51 17.21
C LEU D 90 0.85 -12.51 16.99
N THR D 91 1.58 -13.11 17.93
CA THR D 91 3.03 -13.19 17.86
C THR D 91 3.42 -14.58 17.41
N ILE D 92 4.20 -14.67 16.36
CA ILE D 92 4.62 -15.95 15.82
C ILE D 92 6.13 -15.99 15.62
N PRO D 93 6.81 -16.92 16.29
CA PRO D 93 8.27 -17.07 16.19
C PRO D 93 8.65 -17.32 14.73
N ILE D 94 9.79 -16.77 14.30
CA ILE D 94 10.22 -16.91 12.91
C ILE D 94 10.45 -18.34 12.46
N PHE D 95 10.41 -19.29 13.37
CA PHE D 95 10.64 -20.69 13.02
C PHE D 95 9.37 -21.39 12.56
N ALA D 96 8.24 -20.75 12.79
CA ALA D 96 6.95 -21.33 12.41
C ALA D 96 6.84 -21.56 10.92
N THR D 97 6.55 -22.81 10.56
CA THR D 97 6.38 -23.16 9.17
C THR D 97 4.95 -22.82 8.80
N ASN D 98 4.57 -23.07 7.55
CA ASN D 98 3.20 -22.79 7.13
C ASN D 98 2.24 -23.70 7.90
N SER D 99 2.62 -24.97 8.06
CA SER D 99 1.77 -25.91 8.80
C SER D 99 1.62 -25.48 10.25
N ASP D 100 2.72 -25.03 10.84
CA ASP D 100 2.67 -24.54 12.22
C ASP D 100 1.59 -23.44 12.25
N CYS D 101 1.67 -22.52 11.29
CA CYS D 101 0.73 -21.41 11.21
C CYS D 101 -0.72 -21.83 10.96
N GLU D 102 -0.90 -22.92 10.23
CA GLU D 102 -2.26 -23.41 9.99
C GLU D 102 -2.83 -23.83 11.34
N LEU D 103 -2.01 -24.53 12.13
CA LEU D 103 -2.44 -24.97 13.44
C LEU D 103 -2.86 -23.79 14.30
N ILE D 104 -2.04 -22.73 14.28
CA ILE D 104 -2.34 -21.53 15.06
C ILE D 104 -3.70 -20.97 14.66
N VAL D 105 -3.95 -20.89 13.36
CA VAL D 105 -5.23 -20.38 12.89
C VAL D 105 -6.37 -21.27 13.39
N LYS D 106 -6.18 -22.59 13.31
CA LYS D 106 -7.20 -23.53 13.77
C LYS D 106 -7.53 -23.26 15.24
N ALA D 107 -6.49 -23.08 16.05
CA ALA D 107 -6.68 -22.82 17.47
C ALA D 107 -7.52 -21.57 17.67
N MET D 108 -7.32 -20.57 16.83
CA MET D 108 -8.08 -19.33 16.93
C MET D 108 -9.53 -19.60 16.58
N GLN D 109 -9.74 -20.40 15.54
CA GLN D 109 -11.07 -20.75 15.10
C GLN D 109 -11.79 -21.52 16.20
N GLY D 110 -11.07 -22.44 16.82
CA GLY D 110 -11.64 -23.24 17.90
C GLY D 110 -12.00 -22.40 19.10
N LEU D 111 -11.13 -21.47 19.44
CA LEU D 111 -11.37 -20.61 20.58
C LEU D 111 -12.74 -19.93 20.48
N LEU D 112 -13.11 -19.52 19.27
CA LEU D 112 -14.39 -18.82 19.06
C LEU D 112 -15.53 -19.60 18.42
N LYS D 113 -15.37 -20.91 18.26
CA LYS D 113 -16.44 -21.71 17.66
C LYS D 113 -17.74 -21.58 18.45
N ASP D 114 -18.87 -21.56 17.74
CA ASP D 114 -20.16 -21.44 18.40
C ASP D 114 -20.32 -22.51 19.47
N GLY D 115 -20.86 -22.11 20.62
CA GLY D 115 -21.06 -23.08 21.69
C GLY D 115 -19.92 -23.23 22.67
N ASN D 116 -18.76 -22.66 22.35
CA ASN D 116 -17.63 -22.77 23.25
C ASN D 116 -17.72 -21.69 24.33
N PRO D 117 -17.03 -21.90 25.45
CA PRO D 117 -17.04 -20.96 26.57
C PRO D 117 -16.93 -19.46 26.25
N ILE D 118 -15.81 -19.03 25.68
CA ILE D 118 -15.60 -17.61 25.39
C ILE D 118 -16.71 -16.95 24.57
N PRO D 119 -17.00 -17.47 23.36
CA PRO D 119 -18.06 -16.82 22.59
C PRO D 119 -19.39 -16.82 23.33
N SER D 120 -19.63 -17.87 24.09
CA SER D 120 -20.87 -18.00 24.84
C SER D 120 -20.98 -16.95 25.93
N ALA D 121 -19.87 -16.69 26.61
CA ALA D 121 -19.86 -15.70 27.66
C ALA D 121 -20.08 -14.32 27.09
N ILE D 122 -19.32 -13.99 26.05
CA ILE D 122 -19.42 -12.69 25.41
C ILE D 122 -20.83 -12.42 24.93
N ALA D 123 -21.36 -13.35 24.15
CA ALA D 123 -22.70 -13.22 23.59
C ALA D 123 -23.78 -13.10 24.65
N ALA D 124 -23.44 -13.41 25.89
CA ALA D 124 -24.42 -13.33 26.96
C ALA D 124 -24.12 -12.25 27.99
N ASN D 125 -23.26 -11.31 27.63
CA ASN D 125 -22.92 -10.23 28.54
C ASN D 125 -22.44 -10.81 29.85
N SER D 126 -21.72 -11.93 29.80
CA SER D 126 -21.24 -12.60 30.99
C SER D 126 -19.75 -12.86 31.07
N GLY D 127 -19.35 -13.36 32.23
CA GLY D 127 -17.96 -13.71 32.45
C GLY D 127 -17.98 -15.22 32.55
N ILE D 128 -16.99 -15.80 33.21
CA ILE D 128 -16.92 -17.25 33.37
C ILE D 128 -17.43 -17.58 34.77
N TYR D 129 -18.13 -18.71 34.89
CA TYR D 129 -18.68 -19.12 36.19
C TYR D 129 -19.00 -20.61 36.19
N ALA E 1 -4.65 -0.68 -9.67
CA ALA E 1 -3.27 -0.97 -10.14
C ALA E 1 -2.33 -1.19 -8.95
N SER E 2 -1.32 -2.04 -9.15
CA SER E 2 -0.37 -2.31 -8.09
C SER E 2 0.82 -3.08 -8.60
N ASN E 3 2.01 -2.65 -8.21
CA ASN E 3 3.21 -3.35 -8.59
C ASN E 3 3.77 -4.00 -7.34
N PHE E 4 3.04 -3.84 -6.24
CA PHE E 4 3.42 -4.44 -4.97
C PHE E 4 2.72 -5.79 -4.87
N THR E 5 3.06 -6.68 -5.78
CA THR E 5 2.46 -8.01 -5.80
C THR E 5 3.56 -9.04 -5.73
N GLN E 6 3.17 -10.30 -5.70
CA GLN E 6 4.16 -11.34 -5.62
C GLN E 6 4.77 -11.62 -6.97
N PHE E 7 6.00 -12.10 -6.94
CA PHE E 7 6.69 -12.42 -8.16
C PHE E 7 7.69 -13.54 -7.94
N VAL E 8 8.17 -14.11 -9.04
CA VAL E 8 9.15 -15.18 -8.98
C VAL E 8 10.54 -14.58 -8.91
N LEU E 9 11.22 -14.79 -7.78
CA LEU E 9 12.56 -14.27 -7.61
C LEU E 9 13.55 -15.22 -8.24
N VAL E 10 13.32 -16.52 -8.06
CA VAL E 10 14.19 -17.54 -8.63
C VAL E 10 13.37 -18.45 -9.52
N ASP E 11 13.70 -18.44 -10.81
CA ASP E 11 13.04 -19.25 -11.83
C ASP E 11 13.78 -20.56 -12.02
N ASN E 12 13.46 -21.55 -11.20
CA ASN E 12 14.11 -22.86 -11.30
C ASN E 12 13.18 -23.77 -12.08
N GLY E 13 12.96 -23.43 -13.34
CA GLY E 13 12.07 -24.22 -14.17
C GLY E 13 10.64 -23.79 -13.85
N GLY E 14 9.78 -24.75 -13.54
CA GLY E 14 8.41 -24.41 -13.22
C GLY E 14 8.00 -25.07 -11.91
N THR E 15 8.98 -25.61 -11.20
CA THR E 15 8.72 -26.29 -9.94
C THR E 15 9.49 -25.72 -8.75
N GLY E 16 10.81 -25.94 -8.72
CA GLY E 16 11.61 -25.44 -7.62
C GLY E 16 11.72 -23.92 -7.61
N ASP E 17 10.66 -23.26 -8.08
CA ASP E 17 10.58 -21.81 -8.16
C ASP E 17 10.47 -21.15 -6.81
N VAL E 18 11.21 -20.06 -6.63
CA VAL E 18 11.14 -19.33 -5.38
C VAL E 18 10.30 -18.08 -5.62
N THR E 19 9.12 -18.07 -5.03
CA THR E 19 8.24 -16.94 -5.16
C THR E 19 8.29 -16.15 -3.88
N VAL E 20 8.29 -14.84 -4.05
CA VAL E 20 8.37 -13.93 -2.94
C VAL E 20 7.07 -13.11 -2.95
N ALA E 21 6.50 -12.85 -1.78
CA ALA E 21 5.23 -12.11 -1.71
C ALA E 21 5.23 -10.92 -0.76
N PRO E 22 4.38 -9.92 -1.06
CA PRO E 22 4.29 -8.72 -0.22
C PRO E 22 4.14 -9.09 1.26
N SER E 23 4.90 -8.41 2.10
CA SER E 23 4.87 -8.70 3.51
C SER E 23 4.53 -7.45 4.32
N ASN E 24 5.20 -6.36 4.02
CA ASN E 24 4.97 -5.15 4.76
C ASN E 24 5.44 -3.96 3.90
N PHE E 25 4.83 -2.80 4.10
CA PHE E 25 5.20 -1.62 3.34
C PHE E 25 5.21 -0.41 4.25
N ALA E 26 5.97 -0.49 5.33
CA ALA E 26 6.03 0.60 6.30
C ALA E 26 7.23 1.52 6.10
N ASN E 27 7.01 2.81 6.32
CA ASN E 27 8.05 3.83 6.20
C ASN E 27 8.70 3.89 4.83
N GLY E 28 7.90 3.76 3.78
CA GLY E 28 8.44 3.82 2.44
C GLY E 28 9.30 2.65 2.02
N VAL E 29 9.29 1.57 2.79
CA VAL E 29 10.10 0.42 2.41
C VAL E 29 9.23 -0.79 2.11
N ALA E 30 9.16 -1.14 0.84
CA ALA E 30 8.38 -2.29 0.40
C ALA E 30 9.21 -3.54 0.68
N GLU E 31 8.56 -4.55 1.25
CA GLU E 31 9.26 -5.79 1.57
C GLU E 31 8.49 -7.02 1.12
N TRP E 32 9.20 -7.93 0.46
CA TRP E 32 8.64 -9.17 -0.01
C TRP E 32 9.36 -10.30 0.72
N ILE E 33 8.67 -11.40 0.97
CA ILE E 33 9.24 -12.54 1.67
C ILE E 33 8.70 -13.84 1.09
N SER E 34 9.54 -14.86 0.92
CA SER E 34 9.07 -16.14 0.39
C SER E 34 8.28 -16.85 1.50
N SER E 35 7.49 -17.85 1.15
CA SER E 35 6.69 -18.56 2.15
C SER E 35 7.45 -19.47 3.12
N ASN E 36 6.73 -19.96 4.12
CA ASN E 36 7.29 -20.83 5.15
C ASN E 36 8.13 -20.09 6.19
N SER E 37 8.80 -20.83 7.06
CA SER E 37 9.60 -20.23 8.12
C SER E 37 10.35 -18.97 7.69
N ARG E 38 10.01 -17.88 8.37
CA ARG E 38 10.62 -16.59 8.13
C ARG E 38 12.14 -16.79 8.24
N SER E 39 12.53 -17.65 9.17
CA SER E 39 13.94 -17.96 9.42
C SER E 39 14.71 -18.45 8.20
N GLN E 40 14.01 -19.09 7.26
CA GLN E 40 14.66 -19.60 6.06
C GLN E 40 14.16 -18.93 4.79
N ALA E 41 13.51 -17.80 4.92
CA ALA E 41 12.95 -17.14 3.76
C ALA E 41 13.85 -16.19 2.99
N TYR E 42 13.51 -16.00 1.73
CA TYR E 42 14.22 -15.07 0.87
C TYR E 42 13.59 -13.71 1.19
N LYS E 43 14.37 -12.65 1.13
CA LYS E 43 13.85 -11.33 1.43
C LYS E 43 14.25 -10.35 0.34
N VAL E 44 13.33 -9.45 0.00
CA VAL E 44 13.60 -8.42 -1.00
C VAL E 44 12.97 -7.14 -0.47
N THR E 45 13.73 -6.06 -0.47
CA THR E 45 13.19 -4.78 -0.02
C THR E 45 13.53 -3.74 -1.06
N CYS E 46 12.72 -2.69 -1.10
CA CYS E 46 12.92 -1.65 -2.09
C CYS E 46 12.35 -0.33 -1.64
N SER E 47 13.03 0.76 -2.01
CA SER E 47 12.57 2.09 -1.64
C SER E 47 13.19 3.15 -2.55
N VAL E 48 12.47 4.26 -2.72
CA VAL E 48 12.95 5.37 -3.53
C VAL E 48 12.85 6.60 -2.68
N ARG E 49 13.73 7.55 -2.92
CA ARG E 49 13.71 8.77 -2.16
C ARG E 49 14.41 9.81 -3.01
N GLN E 50 14.13 11.08 -2.73
CA GLN E 50 14.78 12.16 -3.45
C GLN E 50 16.04 12.41 -2.63
N SER E 51 17.17 11.90 -3.10
CA SER E 51 18.44 12.05 -2.37
C SER E 51 19.01 13.46 -2.42
N SER E 52 18.68 14.19 -3.48
CA SER E 52 19.15 15.56 -3.65
C SER E 52 18.15 16.28 -4.53
N ALA E 53 18.38 17.56 -4.76
CA ALA E 53 17.46 18.33 -5.59
C ALA E 53 17.37 17.76 -7.00
N GLN E 54 18.48 17.21 -7.49
CA GLN E 54 18.56 16.67 -8.84
C GLN E 54 18.39 15.16 -8.98
N ASN E 55 18.59 14.42 -7.89
CA ASN E 55 18.51 12.97 -7.95
C ASN E 55 17.46 12.24 -7.14
N ARG E 56 16.99 11.13 -7.71
CA ARG E 56 16.06 10.25 -7.04
C ARG E 56 16.95 9.02 -6.84
N LYS E 57 16.79 8.33 -5.73
CA LYS E 57 17.64 7.19 -5.45
C LYS E 57 16.86 5.95 -5.04
N TYR E 58 17.18 4.82 -5.67
CA TYR E 58 16.53 3.57 -5.35
C TYR E 58 17.47 2.74 -4.49
N THR E 59 16.91 2.01 -3.53
CA THR E 59 17.70 1.14 -2.68
C THR E 59 17.02 -0.21 -2.63
N ILE E 60 17.61 -1.17 -3.35
CA ILE E 60 17.10 -2.54 -3.43
C ILE E 60 18.00 -3.42 -2.59
N LYS E 61 17.41 -4.34 -1.82
CA LYS E 61 18.18 -5.27 -1.00
C LYS E 61 17.57 -6.65 -1.15
N VAL E 62 18.43 -7.65 -1.28
CA VAL E 62 17.98 -9.03 -1.43
C VAL E 62 18.80 -9.94 -0.52
N GLU E 63 18.14 -10.97 0.03
CA GLU E 63 18.80 -11.91 0.90
C GLU E 63 18.54 -13.32 0.39
N VAL E 64 19.60 -14.06 0.11
CA VAL E 64 19.44 -15.43 -0.34
C VAL E 64 19.94 -16.30 0.80
N PRO E 65 19.05 -17.10 1.38
CA PRO E 65 19.43 -17.97 2.50
C PRO E 65 19.87 -19.35 2.07
N LYS E 66 20.71 -19.95 2.89
CA LYS E 66 21.20 -21.31 2.67
C LYS E 66 20.43 -22.10 3.73
N VAL E 67 19.37 -22.78 3.29
CA VAL E 67 18.52 -23.54 4.18
C VAL E 67 19.22 -24.68 4.91
N ALA E 68 18.95 -24.77 6.19
CA ALA E 68 19.54 -25.82 7.02
C ALA E 68 18.73 -26.04 8.29
N THR E 69 18.94 -27.20 8.92
CA THR E 69 18.26 -27.55 10.15
C THR E 69 19.26 -27.52 11.29
N GLN E 70 19.02 -26.63 12.26
CA GLN E 70 19.92 -26.52 13.40
C GLN E 70 19.41 -27.41 14.51
N THR E 71 20.33 -28.11 15.17
CA THR E 71 19.97 -28.98 16.28
C THR E 71 20.79 -28.63 17.50
N VAL E 72 20.11 -28.41 18.62
CA VAL E 72 20.79 -28.06 19.85
C VAL E 72 20.03 -28.64 21.03
N GLY E 73 20.69 -29.47 21.80
CA GLY E 73 20.04 -30.08 22.94
C GLY E 73 18.98 -31.05 22.44
N GLY E 74 19.11 -31.45 21.18
CA GLY E 74 18.15 -32.38 20.62
C GLY E 74 16.92 -31.71 20.05
N VAL E 75 16.94 -30.38 20.03
CA VAL E 75 15.83 -29.60 19.51
C VAL E 75 16.15 -29.14 18.09
N GLU E 76 15.30 -29.51 17.13
CA GLU E 76 15.50 -29.12 15.75
C GLU E 76 14.75 -27.84 15.38
N LEU E 77 15.47 -26.91 14.75
CA LEU E 77 14.90 -25.64 14.34
C LEU E 77 15.27 -25.33 12.91
N PRO E 78 14.30 -24.86 12.11
CA PRO E 78 14.61 -24.54 10.72
C PRO E 78 15.34 -23.21 10.76
N VAL E 79 16.54 -23.17 10.21
CA VAL E 79 17.31 -21.93 10.22
C VAL E 79 17.97 -21.73 8.87
N ALA E 80 18.88 -20.75 8.83
CA ALA E 80 19.65 -20.46 7.64
C ALA E 80 21.11 -20.57 8.08
N ALA E 81 21.83 -21.56 7.54
CA ALA E 81 23.24 -21.74 7.89
C ALA E 81 23.96 -20.39 7.74
N TRP E 82 23.64 -19.69 6.65
CA TRP E 82 24.21 -18.37 6.37
C TRP E 82 23.35 -17.70 5.30
N ARG E 83 23.66 -16.44 5.01
CA ARG E 83 22.89 -15.70 4.02
C ARG E 83 23.79 -14.89 3.11
N SER E 84 23.41 -14.82 1.84
CA SER E 84 24.14 -14.03 0.86
C SER E 84 23.38 -12.69 0.85
N TYR E 85 24.11 -11.58 0.89
CA TYR E 85 23.47 -10.26 0.92
C TYR E 85 23.73 -9.38 -0.30
N LEU E 86 22.69 -9.08 -1.07
CA LEU E 86 22.83 -8.19 -2.21
C LEU E 86 22.30 -6.84 -1.82
N ASN E 87 23.10 -5.81 -2.06
CA ASN E 87 22.69 -4.46 -1.73
C ASN E 87 22.99 -3.54 -2.92
N MET E 88 21.96 -2.98 -3.55
CA MET E 88 22.22 -2.08 -4.66
C MET E 88 21.55 -0.73 -4.54
N GLU E 89 22.25 0.30 -5.01
CA GLU E 89 21.76 1.65 -4.99
C GLU E 89 21.81 2.19 -6.41
N LEU E 90 20.67 2.69 -6.87
CA LEU E 90 20.57 3.23 -8.22
C LEU E 90 20.17 4.71 -8.15
N THR E 91 21.01 5.58 -8.70
CA THR E 91 20.74 7.01 -8.70
C THR E 91 20.34 7.48 -10.09
N ILE E 92 19.18 8.13 -10.19
CA ILE E 92 18.71 8.63 -11.47
C ILE E 92 18.29 10.09 -11.35
N PRO E 93 18.88 10.96 -12.18
CA PRO E 93 18.55 12.39 -12.18
C PRO E 93 17.13 12.63 -12.66
N ILE E 94 16.48 13.65 -12.13
CA ILE E 94 15.10 13.97 -12.49
C ILE E 94 14.84 14.35 -13.94
N PHE E 95 15.90 14.45 -14.73
CA PHE E 95 15.76 14.81 -16.14
C PHE E 95 15.55 13.57 -16.98
N ALA E 96 15.70 12.41 -16.37
CA ALA E 96 15.53 11.16 -17.08
C ALA E 96 14.07 10.95 -17.41
N THR E 97 13.83 10.65 -18.68
CA THR E 97 12.49 10.39 -19.17
C THR E 97 12.25 8.90 -19.02
N ASN E 98 11.05 8.44 -19.35
CA ASN E 98 10.76 7.02 -19.23
C ASN E 98 11.68 6.23 -20.13
N SER E 99 12.00 6.78 -21.30
CA SER E 99 12.89 6.10 -22.24
C SER E 99 14.27 5.94 -21.62
N ASP E 100 14.77 7.03 -21.03
CA ASP E 100 16.08 7.01 -20.37
C ASP E 100 16.09 5.89 -19.31
N CYS E 101 15.00 5.78 -18.56
CA CYS E 101 14.89 4.78 -17.51
C CYS E 101 14.85 3.36 -18.05
N GLU E 102 14.14 3.18 -19.15
CA GLU E 102 14.04 1.87 -19.77
C GLU E 102 15.44 1.43 -20.18
N LEU E 103 16.22 2.39 -20.64
CA LEU E 103 17.59 2.13 -21.05
C LEU E 103 18.41 1.67 -19.86
N ILE E 104 18.27 2.36 -18.74
CA ILE E 104 18.99 2.02 -17.53
C ILE E 104 18.66 0.59 -17.11
N VAL E 105 17.37 0.23 -17.16
CA VAL E 105 16.94 -1.11 -16.78
C VAL E 105 17.58 -2.15 -17.71
N LYS E 106 17.61 -1.87 -18.99
CA LYS E 106 18.23 -2.78 -19.94
C LYS E 106 19.70 -3.02 -19.58
N ALA E 107 20.41 -1.94 -19.25
CA ALA E 107 21.82 -2.08 -18.91
C ALA E 107 21.98 -2.99 -17.70
N MET E 108 21.08 -2.85 -16.73
CA MET E 108 21.13 -3.68 -15.53
C MET E 108 20.92 -5.13 -15.91
N GLN E 109 19.93 -5.36 -16.76
CA GLN E 109 19.62 -6.71 -17.22
C GLN E 109 20.79 -7.32 -18.01
N GLY E 110 21.40 -6.50 -18.86
CA GLY E 110 22.52 -6.97 -19.66
C GLY E 110 23.71 -7.33 -18.81
N LEU E 111 23.98 -6.50 -17.82
CA LEU E 111 25.09 -6.74 -16.92
C LEU E 111 25.03 -8.14 -16.31
N LEU E 112 23.82 -8.62 -16.07
CA LEU E 112 23.64 -9.93 -15.44
C LEU E 112 23.20 -11.06 -16.35
N LYS E 113 23.07 -10.80 -17.64
CA LYS E 113 22.64 -11.85 -18.56
C LYS E 113 23.59 -13.05 -18.56
N ASP E 114 23.00 -14.24 -18.71
CA ASP E 114 23.77 -15.48 -18.73
C ASP E 114 24.88 -15.38 -19.77
N GLY E 115 26.08 -15.82 -19.39
CA GLY E 115 27.19 -15.79 -20.32
C GLY E 115 28.13 -14.62 -20.14
N ASN E 116 27.60 -13.49 -19.69
CA ASN E 116 28.42 -12.31 -19.49
C ASN E 116 29.40 -12.46 -18.34
N PRO E 117 30.50 -11.69 -18.39
CA PRO E 117 31.54 -11.73 -17.36
C PRO E 117 31.12 -11.75 -15.90
N ILE E 118 30.43 -10.71 -15.43
CA ILE E 118 30.04 -10.64 -14.03
C ILE E 118 29.24 -11.84 -13.51
N PRO E 119 28.14 -12.21 -14.19
CA PRO E 119 27.39 -13.36 -13.67
C PRO E 119 28.21 -14.65 -13.71
N SER E 120 28.99 -14.84 -14.77
CA SER E 120 29.83 -16.02 -14.91
C SER E 120 30.80 -16.14 -13.75
N ALA E 121 31.46 -15.03 -13.43
CA ALA E 121 32.42 -14.99 -12.34
C ALA E 121 31.76 -15.36 -11.02
N ILE E 122 30.68 -14.67 -10.69
CA ILE E 122 29.95 -14.91 -9.46
C ILE E 122 29.52 -16.36 -9.31
N ALA E 123 28.92 -16.89 -10.36
CA ALA E 123 28.42 -18.26 -10.35
C ALA E 123 29.50 -19.30 -10.22
N ALA E 124 30.76 -18.88 -10.29
CA ALA E 124 31.84 -19.84 -10.19
C ALA E 124 32.80 -19.50 -9.09
N ASN E 125 32.32 -18.79 -8.07
CA ASN E 125 33.18 -18.43 -6.96
C ASN E 125 34.44 -17.77 -7.51
N SER E 126 34.34 -17.12 -8.67
CA SER E 126 35.51 -16.51 -9.27
C SER E 126 35.48 -14.99 -9.39
N GLY E 127 36.61 -14.44 -9.78
CA GLY E 127 36.75 -13.02 -10.01
C GLY E 127 36.93 -12.83 -11.50
N ILE E 128 37.58 -11.74 -11.90
CA ILE E 128 37.83 -11.48 -13.31
C ILE E 128 39.24 -11.94 -13.66
N TYR E 129 39.40 -12.53 -14.84
CA TYR E 129 40.71 -13.00 -15.26
C TYR E 129 40.86 -12.99 -16.77
#